data_8GUG
#
_entry.id   8GUG
#
_cell.length_a   81.915
_cell.length_b   104.725
_cell.length_c   116.218
_cell.angle_alpha   90.000
_cell.angle_beta   90.000
_cell.angle_gamma   90.000
#
_symmetry.space_group_name_H-M   'I 2 2 2'
#
loop_
_entity.id
_entity.type
_entity.pdbx_description
1 polymer 'RES domain-containing protein'
2 polymer 'DUF2384 domain-containing protein'
3 water water
#
loop_
_entity_poly.entity_id
_entity_poly.type
_entity_poly.pdbx_seq_one_letter_code
_entity_poly.pdbx_strand_id
1 'polypeptide(L)'
;MKLYRLTQKKFADTPFSPIGAKLFGKRWNSKGTEALYFSESESLCSLEVFVHVNNDPAITKLYDLYRIEMPEYLIATLDE
EDLPVTWRAIPASESTQYIGDQFLNDPHPEFAALQVPSTISPRDKNYVVNPNHPKMKEIIKKAEKLDFAFDPRIFK
;
A
2 'polypeptide(L)'
;MATAALKSFKPKQPHKANFWFMLGIEDAETGRTDAVHKGFEPKVYRNIVERVKLSQNEFQNVTLIPVSTIKRRLKNDERF
NTQESDAIYRLAMLLKLATELFDDEERALEWMKENVYGLGGKRPLDMVSTTVDFEIVKDLIGRLEHGVFS
;
B,C
#
# COMPACT_ATOMS: atom_id res chain seq x y z
N MET A 1 -3.76 -31.38 -10.48
CA MET A 1 -4.70 -30.27 -10.38
C MET A 1 -4.37 -29.16 -11.36
N LYS A 2 -5.41 -28.54 -11.92
CA LYS A 2 -5.26 -27.45 -12.87
C LYS A 2 -5.45 -26.12 -12.12
N LEU A 3 -4.41 -25.29 -12.12
CA LEU A 3 -4.42 -24.02 -11.41
C LEU A 3 -4.30 -22.87 -12.41
N TYR A 4 -5.02 -21.78 -12.13
CA TYR A 4 -5.15 -20.66 -13.05
C TYR A 4 -4.58 -19.40 -12.41
N ARG A 5 -3.73 -18.69 -13.15
CA ARG A 5 -3.19 -17.41 -12.74
C ARG A 5 -3.45 -16.41 -13.86
N LEU A 6 -3.50 -15.13 -13.52
CA LEU A 6 -3.60 -14.09 -14.53
C LEU A 6 -2.72 -12.91 -14.11
N THR A 7 -2.17 -12.22 -15.12
CA THR A 7 -1.42 -11.01 -14.85
C THR A 7 -1.53 -10.10 -16.06
N GLN A 8 -1.20 -8.83 -15.88
CA GLN A 8 -1.31 -7.89 -16.99
C GLN A 8 -0.35 -8.27 -18.12
N LYS A 9 -0.72 -7.88 -19.34
CA LYS A 9 0.07 -8.27 -20.50
C LYS A 9 1.48 -7.71 -20.45
N LYS A 10 1.66 -6.54 -19.83
CA LYS A 10 2.98 -5.92 -19.75
C LYS A 10 3.99 -6.83 -19.07
N PHE A 11 3.53 -7.74 -18.22
CA PHE A 11 4.40 -8.65 -17.50
C PHE A 11 4.62 -9.97 -18.23
N ALA A 12 4.27 -10.05 -19.52
CA ALA A 12 4.33 -11.32 -20.24
C ALA A 12 5.75 -11.88 -20.26
N ASP A 13 6.77 -11.02 -20.21
CA ASP A 13 8.15 -11.51 -20.22
C ASP A 13 8.48 -12.27 -18.94
N THR A 14 7.85 -11.91 -17.83
CA THR A 14 8.07 -12.57 -16.53
C THR A 14 6.73 -12.77 -15.84
N PRO A 15 5.94 -13.73 -16.30
CA PRO A 15 4.58 -13.88 -15.77
C PRO A 15 4.53 -14.43 -14.35
N PHE A 16 5.48 -15.27 -13.96
CA PHE A 16 5.48 -15.92 -12.65
C PHE A 16 6.57 -15.36 -11.75
N SER A 17 6.90 -14.09 -11.89
CA SER A 17 7.79 -13.44 -10.96
C SER A 17 7.07 -13.21 -9.64
N PRO A 18 7.69 -13.52 -8.50
CA PRO A 18 7.01 -13.32 -7.21
C PRO A 18 7.06 -11.87 -6.74
N ILE A 19 7.38 -10.95 -7.65
CA ILE A 19 7.64 -9.56 -7.27
C ILE A 19 6.35 -8.88 -6.82
N GLY A 20 5.26 -9.10 -7.55
CA GLY A 20 3.98 -8.52 -7.13
C GLY A 20 3.59 -8.95 -5.73
N ALA A 21 3.77 -10.23 -5.42
CA ALA A 21 3.47 -10.71 -4.08
C ALA A 21 4.38 -10.07 -3.04
N LYS A 22 5.68 -9.95 -3.36
CA LYS A 22 6.62 -9.36 -2.42
C LYS A 22 6.25 -7.91 -2.11
N LEU A 23 5.99 -7.12 -3.15
CA LEU A 23 5.84 -5.69 -2.97
C LEU A 23 4.44 -5.28 -2.51
N PHE A 24 3.41 -6.04 -2.88
CA PHE A 24 2.03 -5.62 -2.65
C PHE A 24 1.16 -6.65 -1.94
N GLY A 25 1.64 -7.88 -1.73
CA GLY A 25 0.79 -8.91 -1.16
C GLY A 25 0.49 -8.65 0.31
N LYS A 26 -0.78 -8.75 0.68
CA LYS A 26 -1.22 -8.39 2.02
C LYS A 26 -1.98 -9.47 2.76
N ARG A 27 -2.56 -10.44 2.06
CA ARG A 27 -3.46 -11.41 2.70
C ARG A 27 -2.68 -12.60 3.24
N TRP A 28 -2.14 -13.42 2.35
CA TRP A 28 -1.44 -14.63 2.74
C TRP A 28 0.07 -14.46 2.75
N ASN A 29 0.56 -13.23 2.76
CA ASN A 29 2.00 -13.00 2.83
C ASN A 29 2.23 -11.54 3.17
N SER A 30 3.43 -11.26 3.69
CA SER A 30 3.87 -9.92 4.03
C SER A 30 4.99 -9.49 3.09
N LYS A 31 5.25 -8.18 3.06
CA LYS A 31 6.24 -7.60 2.16
C LYS A 31 7.58 -8.32 2.26
N GLY A 32 8.19 -8.58 1.10
CA GLY A 32 9.47 -9.24 1.03
C GLY A 32 9.41 -10.74 0.87
N THR A 33 8.28 -11.36 1.17
CA THR A 33 8.11 -12.80 1.03
C THR A 33 7.69 -13.13 -0.39
N GLU A 34 8.43 -14.05 -1.03
CA GLU A 34 8.15 -14.44 -2.39
C GLU A 34 6.99 -15.41 -2.44
N ALA A 35 6.08 -15.19 -3.39
CA ALA A 35 4.88 -16.01 -3.49
C ALA A 35 4.28 -15.88 -4.88
N LEU A 36 3.50 -16.88 -5.25
CA LEU A 36 2.68 -16.85 -6.45
C LEU A 36 1.25 -17.19 -6.07
N TYR A 37 0.29 -16.57 -6.76
CA TYR A 37 -1.12 -16.77 -6.47
C TYR A 37 -1.79 -17.47 -7.65
N PHE A 38 -2.44 -18.60 -7.38
CA PHE A 38 -3.19 -19.34 -8.37
C PHE A 38 -4.57 -19.65 -7.79
N SER A 39 -5.48 -20.05 -8.66
CA SER A 39 -6.84 -20.38 -8.25
C SER A 39 -7.26 -21.69 -8.89
N GLU A 40 -8.22 -22.38 -8.24
CA GLU A 40 -8.66 -23.68 -8.72
C GLU A 40 -9.31 -23.59 -10.09
N SER A 41 -9.89 -22.44 -10.42
CA SER A 41 -10.64 -22.30 -11.67
C SER A 41 -10.32 -20.94 -12.29
N GLU A 42 -10.65 -20.83 -13.57
CA GLU A 42 -10.51 -19.55 -14.27
C GLU A 42 -11.46 -18.51 -13.68
N SER A 43 -12.65 -18.94 -13.25
CA SER A 43 -13.64 -17.97 -12.78
C SER A 43 -13.22 -17.35 -11.46
N LEU A 44 -12.78 -18.16 -10.50
CA LEU A 44 -12.36 -17.63 -9.22
C LEU A 44 -11.11 -16.75 -9.37
N CYS A 45 -10.16 -17.23 -10.17
CA CYS A 45 -8.99 -16.44 -10.53
C CYS A 45 -9.40 -15.08 -11.09
N SER A 46 -10.38 -15.07 -11.98
CA SER A 46 -10.80 -13.83 -12.62
C SER A 46 -11.49 -12.90 -11.63
N LEU A 47 -12.37 -13.46 -10.79
CA LEU A 47 -13.12 -12.66 -9.83
C LEU A 47 -12.18 -11.98 -8.85
N GLU A 48 -11.23 -12.75 -8.28
CA GLU A 48 -10.33 -12.21 -7.26
C GLU A 48 -9.71 -10.89 -7.68
N VAL A 49 -9.43 -10.73 -8.97
CA VAL A 49 -8.82 -9.51 -9.47
C VAL A 49 -9.87 -8.52 -9.98
N PHE A 50 -10.83 -9.00 -10.77
CA PHE A 50 -11.72 -8.10 -11.50
C PHE A 50 -12.83 -7.51 -10.64
N VAL A 51 -13.07 -8.05 -9.44
CA VAL A 51 -14.12 -7.47 -8.59
C VAL A 51 -13.78 -6.04 -8.22
N HIS A 52 -12.49 -5.74 -8.04
CA HIS A 52 -12.07 -4.39 -7.69
C HIS A 52 -12.10 -3.46 -8.89
N VAL A 53 -12.27 -4.01 -10.10
CA VAL A 53 -12.36 -3.21 -11.31
C VAL A 53 -13.61 -3.63 -12.09
N ASN A 54 -14.70 -3.92 -11.37
CA ASN A 54 -15.93 -4.39 -12.00
C ASN A 54 -16.66 -3.32 -12.79
N ASN A 55 -16.15 -2.09 -12.81
CA ASN A 55 -16.73 -1.06 -13.67
C ASN A 55 -16.30 -1.20 -15.12
N ASP A 56 -15.19 -1.90 -15.37
CA ASP A 56 -14.67 -2.05 -16.72
C ASP A 56 -15.06 -3.42 -17.27
N PRO A 57 -15.93 -3.49 -18.28
CA PRO A 57 -16.30 -4.78 -18.86
C PRO A 57 -15.32 -5.31 -19.91
N ALA A 58 -14.27 -4.56 -20.23
CA ALA A 58 -13.22 -5.01 -21.13
C ALA A 58 -11.87 -5.10 -20.42
N ILE A 59 -11.90 -5.38 -19.12
CA ILE A 59 -10.67 -5.49 -18.34
C ILE A 59 -9.80 -6.61 -18.86
N THR A 60 -10.42 -7.66 -19.42
CA THR A 60 -9.67 -8.81 -19.91
C THR A 60 -8.63 -8.42 -20.95
N LYS A 61 -8.86 -7.31 -21.67
CA LYS A 61 -7.94 -6.88 -22.71
C LYS A 61 -6.60 -6.39 -22.16
N LEU A 62 -6.50 -6.14 -20.85
CA LEU A 62 -5.24 -5.75 -20.25
C LEU A 62 -4.51 -6.91 -19.61
N TYR A 63 -5.06 -8.12 -19.69
CA TYR A 63 -4.58 -9.23 -18.89
C TYR A 63 -4.33 -10.46 -19.77
N ASP A 64 -3.59 -11.41 -19.19
CA ASP A 64 -3.24 -12.67 -19.81
C ASP A 64 -3.43 -13.77 -18.78
N LEU A 65 -4.04 -14.86 -19.22
CA LEU A 65 -4.37 -16.01 -18.38
C LEU A 65 -3.38 -17.13 -18.64
N TYR A 66 -2.98 -17.81 -17.56
CA TYR A 66 -2.04 -18.92 -17.63
C TYR A 66 -2.56 -20.05 -16.76
N ARG A 67 -2.19 -21.28 -17.12
CA ARG A 67 -2.61 -22.46 -16.39
C ARG A 67 -1.43 -23.39 -16.19
N ILE A 68 -1.40 -24.03 -15.02
CA ILE A 68 -0.36 -25.00 -14.70
C ILE A 68 -1.03 -26.27 -14.16
N GLU A 69 -0.27 -27.36 -14.18
CA GLU A 69 -0.66 -28.62 -13.58
C GLU A 69 0.19 -28.84 -12.33
N MET A 70 -0.46 -28.79 -11.18
CA MET A 70 0.24 -28.97 -9.91
C MET A 70 0.04 -30.40 -9.44
N PRO A 71 1.12 -31.17 -9.25
CA PRO A 71 0.96 -32.53 -8.72
C PRO A 71 0.26 -32.52 -7.38
N GLU A 72 -0.61 -33.52 -7.17
CA GLU A 72 -1.39 -33.57 -5.95
C GLU A 72 -0.52 -33.80 -4.72
N TYR A 73 0.65 -34.41 -4.89
CA TYR A 73 1.45 -34.82 -3.73
C TYR A 73 2.13 -33.63 -3.05
N LEU A 74 2.27 -32.50 -3.74
CA LEU A 74 2.88 -31.31 -3.15
C LEU A 74 1.88 -30.17 -2.99
N ILE A 75 0.60 -30.51 -2.78
CA ILE A 75 -0.43 -29.56 -2.38
C ILE A 75 -0.81 -29.85 -0.93
N ALA A 76 -0.62 -28.85 -0.07
CA ALA A 76 -0.95 -28.98 1.35
C ALA A 76 -2.27 -28.27 1.64
N THR A 77 -2.86 -28.62 2.78
CA THR A 77 -4.17 -28.11 3.16
C THR A 77 -4.12 -27.53 4.56
N LEU A 78 -4.69 -26.34 4.73
CA LEU A 78 -4.84 -25.71 6.03
C LEU A 78 -6.05 -26.29 6.76
N ASP A 79 -6.22 -25.87 8.01
CA ASP A 79 -7.38 -26.25 8.81
C ASP A 79 -8.10 -24.99 9.30
N GLU A 80 -9.43 -25.06 9.30
CA GLU A 80 -10.25 -23.91 9.69
C GLU A 80 -9.94 -23.47 11.12
N GLU A 81 -9.62 -24.42 12.01
CA GLU A 81 -9.38 -24.07 13.40
C GLU A 81 -8.15 -23.18 13.53
N ASP A 82 -7.12 -23.44 12.73
CA ASP A 82 -5.95 -22.56 12.73
C ASP A 82 -6.29 -21.19 12.17
N LEU A 83 -7.31 -21.13 11.32
CA LEU A 83 -7.70 -19.87 10.69
C LEU A 83 -8.40 -18.96 11.69
N PRO A 84 -8.01 -17.69 11.78
CA PRO A 84 -8.63 -16.77 12.73
C PRO A 84 -10.00 -16.31 12.24
N VAL A 85 -10.65 -15.50 13.09
CA VAL A 85 -11.98 -15.01 12.76
C VAL A 85 -11.92 -13.86 11.77
N THR A 86 -10.91 -13.00 11.89
CA THR A 86 -10.78 -11.84 11.01
C THR A 86 -10.11 -12.17 9.68
N TRP A 87 -9.91 -13.46 9.37
CA TRP A 87 -9.21 -13.85 8.15
C TRP A 87 -9.85 -13.26 6.90
N ARG A 88 -11.13 -12.91 6.96
CA ARG A 88 -11.85 -12.38 5.81
C ARG A 88 -12.01 -10.87 5.86
N ALA A 89 -11.33 -10.21 6.79
CA ALA A 89 -11.44 -8.76 6.92
C ALA A 89 -10.73 -8.07 5.76
N ILE A 90 -11.37 -7.04 5.21
CA ILE A 90 -10.76 -6.28 4.12
C ILE A 90 -9.41 -5.69 4.55
N PRO A 91 -9.29 -5.03 5.72
CA PRO A 91 -7.94 -4.81 6.24
C PRO A 91 -7.32 -6.14 6.65
N ALA A 92 -6.51 -6.71 5.76
CA ALA A 92 -6.01 -8.07 5.93
C ALA A 92 -5.36 -8.26 7.29
N SER A 93 -5.80 -9.30 8.01
CA SER A 93 -5.23 -9.62 9.31
C SER A 93 -3.80 -10.12 9.16
N GLU A 94 -2.95 -9.78 10.13
CA GLU A 94 -1.56 -10.23 10.07
C GLU A 94 -1.44 -11.72 10.30
N SER A 95 -2.46 -12.35 10.87
CA SER A 95 -2.40 -13.78 11.15
C SER A 95 -2.32 -14.60 9.86
N THR A 96 -3.19 -14.29 8.90
CA THR A 96 -3.09 -14.95 7.60
C THR A 96 -1.76 -14.65 6.93
N GLN A 97 -1.31 -13.39 7.04
CA GLN A 97 0.01 -13.01 6.54
C GLN A 97 1.07 -13.97 7.04
N TYR A 98 1.05 -14.24 8.35
CA TYR A 98 2.14 -15.02 8.94
C TYR A 98 1.97 -16.51 8.70
N ILE A 99 0.76 -17.03 8.63
CA ILE A 99 0.58 -18.43 8.20
C ILE A 99 1.20 -18.61 6.82
N GLY A 100 0.82 -17.74 5.89
CA GLY A 100 1.40 -17.81 4.56
C GLY A 100 2.91 -17.64 4.57
N ASP A 101 3.41 -16.66 5.33
CA ASP A 101 4.85 -16.44 5.42
C ASP A 101 5.58 -17.70 5.89
N GLN A 102 5.07 -18.30 6.98
CA GLN A 102 5.66 -19.53 7.48
C GLN A 102 5.71 -20.59 6.40
N PHE A 103 4.64 -20.72 5.61
CA PHE A 103 4.70 -21.70 4.53
C PHE A 103 5.70 -21.30 3.45
N LEU A 104 5.82 -20.00 3.16
CA LEU A 104 6.53 -19.57 1.95
C LEU A 104 8.02 -19.43 2.19
N ASN A 105 8.42 -18.96 3.37
CA ASN A 105 9.82 -18.83 3.73
C ASN A 105 10.40 -20.09 4.34
N ASP A 106 9.63 -21.17 4.39
CA ASP A 106 10.07 -22.39 5.05
C ASP A 106 11.22 -23.03 4.28
N PRO A 107 12.38 -23.21 4.89
CA PRO A 107 13.42 -24.03 4.26
C PRO A 107 13.04 -25.50 4.30
N HIS A 108 13.71 -26.28 3.47
CA HIS A 108 13.39 -27.69 3.28
C HIS A 108 11.91 -27.87 2.96
N PRO A 109 11.41 -27.27 1.87
CA PRO A 109 9.97 -27.26 1.61
C PRO A 109 9.50 -28.58 1.00
N GLU A 110 8.71 -29.33 1.78
CA GLU A 110 8.18 -30.60 1.27
C GLU A 110 7.03 -30.36 0.29
N PHE A 111 6.14 -29.43 0.62
CA PHE A 111 5.01 -29.08 -0.24
C PHE A 111 5.29 -27.79 -0.99
N ALA A 112 4.73 -27.70 -2.20
CA ALA A 112 4.96 -26.56 -3.07
C ALA A 112 3.83 -25.53 -3.06
N ALA A 113 2.64 -25.92 -2.63
CA ALA A 113 1.50 -25.00 -2.60
C ALA A 113 0.67 -25.25 -1.36
N LEU A 114 0.01 -24.20 -0.88
CA LEU A 114 -0.89 -24.27 0.26
C LEU A 114 -2.30 -23.88 -0.20
N GLN A 115 -3.26 -24.73 0.12
CA GLN A 115 -4.67 -24.46 -0.18
C GLN A 115 -5.23 -23.50 0.86
N VAL A 116 -5.69 -22.34 0.41
CA VAL A 116 -6.29 -21.36 1.31
C VAL A 116 -7.71 -21.09 0.84
N PRO A 117 -8.61 -20.65 1.71
CA PRO A 117 -9.96 -20.33 1.26
C PRO A 117 -10.04 -18.95 0.63
N SER A 118 -10.84 -18.85 -0.44
CA SER A 118 -11.01 -17.59 -1.13
C SER A 118 -11.75 -16.59 -0.24
N THR A 119 -11.30 -15.33 -0.29
CA THR A 119 -11.99 -14.28 0.46
C THR A 119 -13.38 -14.01 -0.09
N ILE A 120 -13.60 -14.31 -1.38
CA ILE A 120 -14.89 -14.08 -2.00
C ILE A 120 -15.86 -15.22 -1.71
N SER A 121 -15.36 -16.45 -1.77
CA SER A 121 -16.20 -17.64 -1.59
C SER A 121 -15.38 -18.70 -0.88
N PRO A 122 -15.48 -18.78 0.44
CA PRO A 122 -14.56 -19.64 1.20
C PRO A 122 -14.62 -21.11 0.82
N ARG A 123 -15.73 -21.61 0.25
CA ARG A 123 -15.79 -23.03 -0.10
C ARG A 123 -15.01 -23.34 -1.37
N ASP A 124 -14.67 -22.32 -2.15
CA ASP A 124 -13.80 -22.47 -3.31
C ASP A 124 -12.41 -21.96 -2.96
N LYS A 125 -11.39 -22.72 -3.33
CA LYS A 125 -10.07 -22.62 -2.73
C LYS A 125 -9.09 -21.96 -3.70
N ASN A 126 -8.37 -20.96 -3.20
CA ASN A 126 -7.20 -20.44 -3.89
C ASN A 126 -5.98 -21.21 -3.41
N TYR A 127 -4.85 -21.03 -4.11
CA TYR A 127 -3.63 -21.75 -3.82
C TYR A 127 -2.45 -20.80 -3.86
N VAL A 128 -1.69 -20.76 -2.77
CA VAL A 128 -0.51 -19.91 -2.67
C VAL A 128 0.73 -20.79 -2.84
N VAL A 129 1.56 -20.47 -3.82
CA VAL A 129 2.66 -21.33 -4.24
C VAL A 129 3.98 -20.67 -3.89
N ASN A 130 4.88 -21.45 -3.28
CA ASN A 130 6.23 -20.99 -2.98
C ASN A 130 7.13 -21.19 -4.18
N PRO A 131 7.64 -20.13 -4.80
CA PRO A 131 8.53 -20.32 -5.96
C PRO A 131 9.84 -21.00 -5.60
N ASN A 132 10.30 -20.85 -4.36
CA ASN A 132 11.56 -21.45 -3.91
C ASN A 132 11.51 -22.96 -3.83
N HIS A 133 10.38 -23.59 -4.12
CA HIS A 133 10.30 -25.04 -4.10
C HIS A 133 11.12 -25.62 -5.26
N PRO A 134 11.76 -26.77 -5.05
CA PRO A 134 12.56 -27.36 -6.15
C PRO A 134 11.76 -27.71 -7.39
N LYS A 135 10.69 -28.48 -7.24
CA LYS A 135 9.91 -28.97 -8.39
C LYS A 135 8.82 -27.97 -8.79
N MET A 136 9.27 -26.76 -9.12
CA MET A 136 8.38 -25.72 -9.64
C MET A 136 8.79 -25.23 -11.03
N LYS A 137 10.10 -25.12 -11.27
CA LYS A 137 10.58 -24.70 -12.59
C LYS A 137 9.95 -25.55 -13.69
N GLU A 138 9.98 -26.88 -13.52
CA GLU A 138 9.34 -27.77 -14.49
C GLU A 138 7.87 -27.40 -14.68
N ILE A 139 7.16 -27.17 -13.58
CA ILE A 139 5.74 -26.78 -13.67
C ILE A 139 5.60 -25.48 -14.46
N ILE A 140 6.56 -24.56 -14.28
CA ILE A 140 6.50 -23.30 -15.02
C ILE A 140 6.83 -23.54 -16.49
N LYS A 141 7.66 -24.54 -16.80
CA LYS A 141 7.97 -24.84 -18.18
C LYS A 141 6.76 -25.39 -18.92
N LYS A 142 5.95 -26.22 -18.24
CA LYS A 142 4.78 -26.84 -18.82
C LYS A 142 3.55 -25.94 -18.83
N ALA A 143 3.66 -24.71 -18.34
CA ALA A 143 2.50 -23.83 -18.23
C ALA A 143 1.98 -23.46 -19.62
N GLU A 144 0.67 -23.24 -19.69
CA GLU A 144 -0.02 -22.95 -20.94
C GLU A 144 -0.69 -21.59 -20.86
N LYS A 145 -0.45 -20.75 -21.86
CA LYS A 145 -1.13 -19.47 -21.95
C LYS A 145 -2.49 -19.65 -22.62
N LEU A 146 -3.54 -19.22 -21.94
CA LEU A 146 -4.91 -19.42 -22.41
C LEU A 146 -5.50 -18.09 -22.87
N ASP A 147 -6.49 -18.19 -23.75
CA ASP A 147 -7.34 -17.04 -24.04
C ASP A 147 -8.47 -17.00 -23.02
N PHE A 148 -8.85 -15.79 -22.63
CA PHE A 148 -9.93 -15.64 -21.66
C PHE A 148 -11.26 -16.05 -22.30
N ALA A 149 -11.98 -16.94 -21.61
CA ALA A 149 -13.35 -17.27 -21.94
C ALA A 149 -14.35 -16.75 -20.94
N PHE A 150 -13.90 -16.44 -19.72
CA PHE A 150 -14.75 -15.76 -18.74
C PHE A 150 -15.31 -14.48 -19.32
N ASP A 151 -16.57 -14.18 -18.99
CA ASP A 151 -17.24 -13.01 -19.53
C ASP A 151 -17.21 -11.89 -18.51
N PRO A 152 -16.53 -10.77 -18.78
CA PRO A 152 -16.54 -9.66 -17.82
C PRO A 152 -17.82 -8.84 -17.81
N ARG A 153 -18.70 -9.03 -18.79
CA ARG A 153 -20.00 -8.35 -18.78
C ARG A 153 -20.88 -8.82 -17.63
N ILE A 154 -20.47 -9.87 -16.90
CA ILE A 154 -21.15 -10.28 -15.68
C ILE A 154 -21.30 -9.09 -14.75
N PHE A 155 -20.27 -8.26 -14.65
CA PHE A 155 -20.32 -7.06 -13.84
C PHE A 155 -21.10 -5.93 -14.48
N LYS A 156 -21.74 -6.19 -15.63
CA LYS A 156 -22.56 -5.21 -16.30
C LYS A 156 -21.75 -3.97 -16.67
N GLY B 24 15.77 12.86 -14.31
CA GLY B 24 14.58 12.42 -13.60
C GLY B 24 14.01 13.50 -12.69
N ILE B 25 14.24 14.76 -13.07
CA ILE B 25 13.77 15.91 -12.29
C ILE B 25 12.77 16.68 -13.14
N GLU B 26 11.62 16.98 -12.55
CA GLU B 26 10.64 17.83 -13.22
C GLU B 26 11.18 19.25 -13.34
N ASP B 27 10.82 19.91 -14.45
CA ASP B 27 11.30 21.25 -14.79
C ASP B 27 12.83 21.17 -14.86
N ALA B 28 13.57 21.95 -14.09
CA ALA B 28 15.01 21.82 -13.97
C ALA B 28 15.45 21.28 -12.63
N GLU B 29 14.85 21.76 -11.54
CA GLU B 29 15.19 21.30 -10.20
C GLU B 29 13.98 20.98 -9.34
N THR B 30 12.76 21.17 -9.84
CA THR B 30 11.58 20.97 -9.02
C THR B 30 11.42 19.49 -8.64
N GLY B 31 11.53 18.60 -9.63
CA GLY B 31 11.34 17.19 -9.36
C GLY B 31 9.97 16.94 -8.76
N ARG B 32 9.91 15.98 -7.83
CA ARG B 32 8.71 15.77 -7.03
C ARG B 32 8.93 16.07 -5.56
N THR B 33 10.10 15.72 -5.01
CA THR B 33 10.36 15.99 -3.60
C THR B 33 10.52 17.49 -3.36
N ASP B 34 11.35 18.15 -4.17
CA ASP B 34 11.54 19.58 -4.02
C ASP B 34 10.25 20.35 -4.26
N ALA B 35 9.37 19.82 -5.12
CA ALA B 35 8.14 20.53 -5.43
C ALA B 35 7.22 20.61 -4.21
N VAL B 36 7.17 19.54 -3.41
CA VAL B 36 6.25 19.51 -2.27
C VAL B 36 6.68 20.51 -1.20
N HIS B 37 7.98 20.56 -0.90
CA HIS B 37 8.47 21.47 0.12
C HIS B 37 8.56 22.90 -0.39
N LYS B 38 8.87 23.10 -1.67
CA LYS B 38 8.83 24.44 -2.25
C LYS B 38 7.41 24.98 -2.25
N GLY B 39 6.43 24.11 -2.54
CA GLY B 39 5.04 24.50 -2.56
C GLY B 39 4.44 24.43 -3.95
N PHE B 40 3.38 23.63 -4.10
CA PHE B 40 2.71 23.53 -5.40
C PHE B 40 2.11 24.87 -5.80
N GLU B 41 2.29 25.25 -7.05
CA GLU B 41 1.65 26.45 -7.56
C GLU B 41 0.16 26.17 -7.80
N PRO B 42 -0.69 27.21 -7.75
CA PRO B 42 -2.12 26.99 -7.97
C PRO B 42 -2.48 26.42 -9.33
N LYS B 43 -1.59 26.58 -10.33
CA LYS B 43 -1.82 25.94 -11.62
C LYS B 43 -1.98 24.43 -11.49
N VAL B 44 -1.27 23.82 -10.53
CA VAL B 44 -1.41 22.39 -10.30
C VAL B 44 -2.84 22.06 -9.88
N TYR B 45 -3.39 22.83 -8.93
CA TYR B 45 -4.77 22.61 -8.50
C TYR B 45 -5.74 22.81 -9.66
N ARG B 46 -5.51 23.83 -10.49
CA ARG B 46 -6.38 24.08 -11.63
C ARG B 46 -6.37 22.90 -12.59
N ASN B 47 -5.17 22.43 -12.96
CA ASN B 47 -5.08 21.30 -13.89
C ASN B 47 -5.71 20.05 -13.29
N ILE B 48 -5.55 19.83 -11.98
CA ILE B 48 -6.12 18.64 -11.37
C ILE B 48 -7.65 18.73 -11.37
N VAL B 49 -8.20 19.87 -10.96
CA VAL B 49 -9.66 19.98 -10.93
C VAL B 49 -10.26 19.95 -12.32
N GLU B 50 -9.48 20.29 -13.35
CA GLU B 50 -10.03 20.12 -14.69
C GLU B 50 -9.92 18.67 -15.16
N ARG B 51 -8.84 17.99 -14.82
CA ARG B 51 -8.65 16.62 -15.31
C ARG B 51 -9.51 15.62 -14.56
N VAL B 52 -9.64 15.77 -13.24
CA VAL B 52 -10.40 14.80 -12.44
C VAL B 52 -11.87 15.15 -12.36
N LYS B 53 -12.28 16.34 -12.82
CA LYS B 53 -13.69 16.71 -12.94
C LYS B 53 -14.40 16.67 -11.58
N LEU B 54 -13.75 17.24 -10.57
CA LEU B 54 -14.31 17.31 -9.23
C LEU B 54 -14.37 18.76 -8.77
N SER B 55 -15.42 19.09 -8.01
CA SER B 55 -15.64 20.44 -7.55
C SER B 55 -14.73 20.78 -6.39
N GLN B 56 -14.75 22.06 -5.99
CA GLN B 56 -13.92 22.48 -4.86
C GLN B 56 -14.30 21.74 -3.59
N ASN B 57 -15.59 21.48 -3.41
CA ASN B 57 -16.02 20.71 -2.25
C ASN B 57 -15.52 19.28 -2.31
N GLU B 58 -15.56 18.67 -3.49
CA GLU B 58 -15.06 17.31 -3.64
C GLU B 58 -13.54 17.26 -3.51
N PHE B 59 -12.84 18.29 -3.99
CA PHE B 59 -11.40 18.38 -3.78
C PHE B 59 -11.08 18.47 -2.29
N GLN B 60 -11.83 19.31 -1.56
CA GLN B 60 -11.68 19.38 -0.12
C GLN B 60 -11.93 18.03 0.53
N ASN B 61 -12.96 17.31 0.06
CA ASN B 61 -13.29 16.02 0.64
C ASN B 61 -12.16 15.02 0.43
N VAL B 62 -11.51 15.05 -0.73
CA VAL B 62 -10.48 14.03 -0.98
C VAL B 62 -9.14 14.41 -0.35
N THR B 63 -8.80 15.70 -0.29
CA THR B 63 -7.50 16.11 0.21
C THR B 63 -7.54 16.71 1.62
N LEU B 64 -8.73 16.89 2.19
CA LEU B 64 -8.90 17.47 3.52
C LEU B 64 -8.38 18.89 3.61
N ILE B 65 -8.12 19.53 2.47
CA ILE B 65 -7.67 20.91 2.43
C ILE B 65 -8.91 21.81 2.47
N PRO B 66 -8.99 22.76 3.39
CA PRO B 66 -10.19 23.59 3.51
C PRO B 66 -10.47 24.38 2.24
N VAL B 67 -11.76 24.56 1.95
CA VAL B 67 -12.18 25.32 0.78
C VAL B 67 -11.70 26.76 0.86
N SER B 68 -11.81 27.37 2.04
CA SER B 68 -11.33 28.74 2.21
C SER B 68 -9.84 28.82 1.91
N THR B 69 -9.07 27.81 2.33
CA THR B 69 -7.65 27.80 2.04
C THR B 69 -7.40 27.77 0.53
N ILE B 70 -8.18 26.98 -0.20
CA ILE B 70 -8.03 26.90 -1.65
C ILE B 70 -8.31 28.25 -2.30
N LYS B 71 -9.41 28.90 -1.89
CA LYS B 71 -9.72 30.21 -2.43
C LYS B 71 -8.61 31.22 -2.12
N ARG B 72 -8.09 31.17 -0.89
CA ARG B 72 -7.04 32.11 -0.49
C ARG B 72 -5.76 31.88 -1.29
N ARG B 73 -5.42 30.62 -1.56
CA ARG B 73 -4.26 30.34 -2.40
C ARG B 73 -4.49 30.89 -3.81
N LEU B 74 -5.67 30.66 -4.37
CA LEU B 74 -5.94 31.02 -5.75
C LEU B 74 -5.94 32.54 -5.95
N LYS B 75 -6.56 33.28 -5.03
CA LYS B 75 -6.68 34.73 -5.21
C LYS B 75 -5.33 35.42 -5.02
N ASN B 76 -4.66 35.16 -3.90
CA ASN B 76 -3.41 35.83 -3.58
C ASN B 76 -2.22 35.29 -4.36
N ASP B 77 -2.45 34.35 -5.29
CA ASP B 77 -1.38 33.70 -6.04
C ASP B 77 -0.32 33.11 -5.11
N GLU B 78 -0.79 32.56 -4.00
CA GLU B 78 0.06 31.90 -3.02
C GLU B 78 0.10 30.41 -3.29
N ARG B 79 1.31 29.84 -3.27
CA ARG B 79 1.45 28.40 -3.43
C ARG B 79 0.90 27.68 -2.20
N PHE B 80 0.45 26.45 -2.40
CA PHE B 80 -0.02 25.63 -1.28
C PHE B 80 1.16 25.26 -0.39
N ASN B 81 0.88 25.11 0.92
CA ASN B 81 1.96 24.76 1.83
C ASN B 81 2.35 23.30 1.63
N THR B 82 3.27 22.83 2.47
CA THR B 82 3.88 21.53 2.23
C THR B 82 2.94 20.37 2.58
N GLN B 83 2.15 20.50 3.65
CA GLN B 83 1.18 19.45 3.94
C GLN B 83 0.05 19.43 2.91
N GLU B 84 -0.40 20.61 2.49
CA GLU B 84 -1.40 20.69 1.42
C GLU B 84 -0.84 20.12 0.12
N SER B 85 0.40 20.46 -0.21
CA SER B 85 1.01 19.93 -1.41
C SER B 85 1.22 18.42 -1.31
N ASP B 86 1.47 17.90 -0.10
CA ASP B 86 1.60 16.46 0.09
C ASP B 86 0.26 15.77 -0.15
N ALA B 87 -0.82 16.37 0.35
CA ALA B 87 -2.16 15.86 0.06
C ALA B 87 -2.41 15.83 -1.44
N ILE B 88 -2.13 16.94 -2.12
CA ILE B 88 -2.33 17.00 -3.58
C ILE B 88 -1.45 15.97 -4.28
N TYR B 89 -0.25 15.74 -3.75
CA TYR B 89 0.67 14.78 -4.34
C TYR B 89 0.11 13.36 -4.25
N ARG B 90 -0.48 13.01 -3.10
CA ARG B 90 -1.08 11.67 -2.98
C ARG B 90 -2.19 11.49 -4.02
N LEU B 91 -2.99 12.52 -4.24
CA LEU B 91 -4.06 12.43 -5.23
C LEU B 91 -3.49 12.28 -6.64
N ALA B 92 -2.47 13.08 -6.98
CA ALA B 92 -1.88 13.00 -8.30
C ALA B 92 -1.21 11.66 -8.53
N MET B 93 -0.60 11.09 -7.48
CA MET B 93 0.01 9.79 -7.60
C MET B 93 -1.06 8.71 -7.79
N LEU B 94 -2.22 8.88 -7.15
CA LEU B 94 -3.33 7.97 -7.41
C LEU B 94 -3.75 8.03 -8.89
N LEU B 95 -3.90 9.25 -9.42
CA LEU B 95 -4.24 9.40 -10.83
C LEU B 95 -3.22 8.69 -11.71
N LYS B 96 -1.92 8.91 -11.44
CA LYS B 96 -0.87 8.29 -12.24
C LYS B 96 -0.94 6.77 -12.18
N LEU B 97 -1.01 6.22 -10.97
CA LEU B 97 -1.00 4.77 -10.83
C LEU B 97 -2.24 4.15 -11.45
N ALA B 98 -3.39 4.81 -11.34
CA ALA B 98 -4.61 4.26 -11.94
C ALA B 98 -4.53 4.31 -13.46
N THR B 99 -3.99 5.38 -14.02
CA THR B 99 -3.83 5.47 -15.47
C THR B 99 -2.85 4.41 -15.96
N GLU B 100 -1.80 4.14 -15.19
CA GLU B 100 -0.92 3.02 -15.51
C GLU B 100 -1.65 1.69 -15.42
N LEU B 101 -2.62 1.59 -14.52
CA LEU B 101 -3.37 0.34 -14.35
C LEU B 101 -4.24 0.06 -15.56
N PHE B 102 -5.01 1.06 -15.99
CA PHE B 102 -5.98 0.85 -17.06
C PHE B 102 -5.45 1.18 -18.45
N ASP B 103 -4.28 1.83 -18.55
CA ASP B 103 -3.77 2.39 -19.80
C ASP B 103 -4.76 3.36 -20.43
N ASP B 104 -5.66 3.92 -19.63
CA ASP B 104 -6.65 4.89 -20.08
C ASP B 104 -6.95 5.81 -18.91
N GLU B 105 -6.93 7.12 -19.15
CA GLU B 105 -7.21 8.06 -18.07
C GLU B 105 -8.69 8.06 -17.71
N GLU B 106 -9.57 7.88 -18.71
CA GLU B 106 -11.01 7.89 -18.44
C GLU B 106 -11.40 6.71 -17.54
N ARG B 107 -10.91 5.52 -17.87
CA ARG B 107 -11.19 4.36 -17.01
C ARG B 107 -10.57 4.54 -15.63
N ALA B 108 -9.39 5.16 -15.57
CA ALA B 108 -8.78 5.46 -14.29
C ALA B 108 -9.68 6.35 -13.44
N LEU B 109 -10.27 7.39 -14.06
CA LEU B 109 -11.16 8.27 -13.33
C LEU B 109 -12.42 7.55 -12.89
N GLU B 110 -13.01 6.75 -13.79
CA GLU B 110 -14.20 5.98 -13.43
C GLU B 110 -13.93 5.09 -12.22
N TRP B 111 -12.77 4.43 -12.21
CA TRP B 111 -12.43 3.57 -11.08
C TRP B 111 -12.13 4.38 -9.82
N MET B 112 -11.53 5.55 -9.97
CA MET B 112 -11.28 6.42 -8.81
C MET B 112 -12.58 6.84 -8.16
N LYS B 113 -13.63 7.05 -8.95
CA LYS B 113 -14.93 7.42 -8.40
C LYS B 113 -15.82 6.21 -8.15
N GLU B 114 -15.29 5.00 -8.26
CA GLU B 114 -16.04 3.76 -8.12
C GLU B 114 -15.71 3.08 -6.80
N ASN B 115 -16.74 2.59 -6.12
CA ASN B 115 -16.54 1.79 -4.92
C ASN B 115 -15.77 0.51 -5.27
N VAL B 116 -14.81 0.15 -4.42
CA VAL B 116 -13.90 -0.95 -4.67
C VAL B 116 -14.01 -1.97 -3.54
N TYR B 117 -14.25 -3.23 -3.90
CA TYR B 117 -14.42 -4.29 -2.93
C TYR B 117 -13.16 -4.46 -2.07
N GLY B 118 -11.98 -4.27 -2.66
CA GLY B 118 -10.74 -4.39 -1.92
C GLY B 118 -10.48 -3.26 -0.96
N LEU B 119 -11.17 -2.13 -1.13
CA LEU B 119 -11.11 -1.02 -0.18
C LEU B 119 -12.28 -1.05 0.79
N GLY B 120 -12.89 -2.22 0.99
CA GLY B 120 -13.99 -2.35 1.93
C GLY B 120 -15.25 -1.60 1.54
N GLY B 121 -15.36 -1.19 0.29
CA GLY B 121 -16.49 -0.42 -0.18
C GLY B 121 -16.19 1.05 -0.39
N LYS B 122 -15.04 1.54 0.05
CA LYS B 122 -14.65 2.92 -0.21
C LYS B 122 -14.07 3.04 -1.60
N ARG B 123 -14.33 4.18 -2.24
CA ARG B 123 -13.73 4.48 -3.52
C ARG B 123 -12.29 4.96 -3.32
N PRO B 124 -11.45 4.85 -4.35
CA PRO B 124 -10.05 5.25 -4.19
C PRO B 124 -9.88 6.72 -3.84
N LEU B 125 -10.80 7.59 -4.27
CA LEU B 125 -10.70 9.00 -3.94
C LEU B 125 -10.75 9.23 -2.43
N ASP B 126 -11.45 8.37 -1.69
CA ASP B 126 -11.51 8.47 -0.24
C ASP B 126 -10.26 7.93 0.45
N MET B 127 -9.25 7.53 -0.32
CA MET B 127 -8.07 6.88 0.23
C MET B 127 -6.80 7.70 -0.01
N VAL B 128 -6.93 9.01 -0.18
CA VAL B 128 -5.77 9.89 -0.31
C VAL B 128 -5.76 10.97 0.77
N SER B 129 -6.59 10.82 1.81
CA SER B 129 -6.63 11.82 2.88
C SER B 129 -5.46 11.66 3.83
N THR B 130 -5.05 10.43 4.08
CA THR B 130 -3.90 10.12 4.93
C THR B 130 -2.86 9.37 4.10
N THR B 131 -1.76 9.00 4.76
CA THR B 131 -0.76 8.18 4.09
C THR B 131 -1.07 6.70 4.22
N VAL B 132 -1.80 6.30 5.27
CA VAL B 132 -2.13 4.89 5.46
C VAL B 132 -3.07 4.41 4.35
N ASP B 133 -4.16 5.16 4.11
CA ASP B 133 -5.07 4.80 3.05
C ASP B 133 -4.36 4.82 1.69
N PHE B 134 -3.43 5.77 1.53
CA PHE B 134 -2.69 5.85 0.27
C PHE B 134 -1.80 4.63 0.07
N GLU B 135 -1.16 4.14 1.13
CA GLU B 135 -0.37 2.93 1.00
C GLU B 135 -1.27 1.73 0.69
N ILE B 136 -2.43 1.66 1.34
CA ILE B 136 -3.35 0.56 1.07
C ILE B 136 -3.74 0.54 -0.40
N VAL B 137 -4.12 1.70 -0.94
CA VAL B 137 -4.58 1.75 -2.33
C VAL B 137 -3.42 1.49 -3.29
N LYS B 138 -2.21 1.94 -2.96
CA LYS B 138 -1.06 1.65 -3.81
C LYS B 138 -0.80 0.14 -3.88
N ASP B 139 -0.88 -0.54 -2.74
CA ASP B 139 -0.67 -1.98 -2.77
C ASP B 139 -1.79 -2.69 -3.50
N LEU B 140 -3.03 -2.20 -3.37
CA LEU B 140 -4.12 -2.77 -4.16
C LEU B 140 -3.84 -2.65 -5.66
N ILE B 141 -3.41 -1.47 -6.10
CA ILE B 141 -3.11 -1.27 -7.52
C ILE B 141 -2.00 -2.19 -7.97
N GLY B 142 -0.96 -2.37 -7.14
CA GLY B 142 0.11 -3.28 -7.50
C GLY B 142 -0.37 -4.71 -7.65
N ARG B 143 -1.17 -5.17 -6.68
CA ARG B 143 -1.74 -6.51 -6.75
C ARG B 143 -2.55 -6.70 -8.02
N LEU B 144 -3.39 -5.73 -8.36
CA LEU B 144 -4.19 -5.84 -9.58
C LEU B 144 -3.29 -5.92 -10.81
N GLU B 145 -2.22 -5.13 -10.85
CA GLU B 145 -1.29 -5.21 -11.97
C GLU B 145 -0.68 -6.60 -12.08
N HIS B 146 -0.22 -7.15 -10.96
CA HIS B 146 0.45 -8.44 -10.99
C HIS B 146 -0.48 -9.63 -10.75
N GLY B 147 -1.79 -9.40 -10.72
CA GLY B 147 -2.75 -10.47 -10.52
C GLY B 147 -2.61 -11.21 -9.20
N VAL B 148 -2.42 -10.48 -8.11
CA VAL B 148 -2.34 -11.05 -6.77
C VAL B 148 -3.71 -10.96 -6.11
N PHE B 149 -4.07 -12.00 -5.35
CA PHE B 149 -5.39 -12.04 -4.76
C PHE B 149 -5.43 -11.22 -3.48
N SER B 150 -6.53 -10.52 -3.28
CA SER B 150 -6.67 -9.64 -2.11
C SER B 150 -7.57 -10.26 -1.07
N LEU C 23 7.19 -6.03 18.38
CA LEU C 23 7.09 -5.06 19.47
C LEU C 23 6.09 -3.95 19.14
N GLY C 24 5.63 -3.93 17.89
CA GLY C 24 4.66 -2.92 17.48
C GLY C 24 3.32 -3.04 18.17
N ILE C 25 3.02 -4.22 18.72
CA ILE C 25 1.75 -4.42 19.40
C ILE C 25 1.68 -3.59 20.69
N GLU C 26 2.83 -3.27 21.28
CA GLU C 26 2.84 -2.65 22.61
C GLU C 26 2.10 -1.33 22.64
N ASP C 27 2.14 -0.56 21.55
CA ASP C 27 1.43 0.70 21.48
C ASP C 27 0.58 0.85 20.22
N ALA C 28 0.51 -0.18 19.37
CA ALA C 28 -0.29 -0.14 18.16
C ALA C 28 -1.15 -1.39 18.07
N GLU C 29 -2.17 -1.31 17.23
CA GLU C 29 -3.11 -2.41 17.02
C GLU C 29 -2.72 -3.32 15.86
N THR C 30 -1.54 -3.10 15.27
CA THR C 30 -1.08 -3.85 14.09
C THR C 30 -2.14 -3.92 13.00
N ARG C 32 -2.89 0.35 12.97
CA ARG C 32 -4.24 0.16 12.46
C ARG C 32 -4.70 1.35 11.62
N THR C 33 -5.28 1.05 10.45
CA THR C 33 -5.78 2.11 9.57
C THR C 33 -6.93 2.88 10.22
N ASP C 34 -7.78 2.19 11.00
CA ASP C 34 -8.94 2.83 11.59
C ASP C 34 -8.55 3.79 12.72
N ALA C 35 -7.46 3.50 13.44
CA ALA C 35 -7.04 4.34 14.56
C ALA C 35 -6.65 5.75 14.14
N VAL C 36 -6.22 5.92 12.89
CA VAL C 36 -5.84 7.26 12.42
C VAL C 36 -7.08 8.12 12.22
N HIS C 37 -8.10 7.58 11.56
CA HIS C 37 -9.34 8.32 11.40
C HIS C 37 -10.05 8.51 12.73
N LYS C 38 -10.00 7.49 13.60
CA LYS C 38 -10.54 7.63 14.94
C LYS C 38 -9.78 8.68 15.75
N GLY C 39 -8.50 8.86 15.45
CA GLY C 39 -7.67 9.76 16.21
C GLY C 39 -6.78 9.02 17.20
N PHE C 40 -5.59 9.55 17.41
CA PHE C 40 -4.60 8.89 18.26
C PHE C 40 -4.75 9.35 19.70
N GLU C 41 -4.76 8.39 20.63
CA GLU C 41 -4.89 8.69 22.04
C GLU C 41 -3.57 9.28 22.57
N PRO C 42 -3.64 10.07 23.64
CA PRO C 42 -2.40 10.69 24.18
C PRO C 42 -1.41 9.67 24.73
N LYS C 43 -1.89 8.55 25.26
CA LYS C 43 -1.00 7.49 25.73
C LYS C 43 -0.03 7.07 24.64
N VAL C 44 -0.49 7.04 23.38
CA VAL C 44 0.37 6.67 22.28
C VAL C 44 1.48 7.69 22.10
N TYR C 45 1.14 8.98 22.13
CA TYR C 45 2.14 10.03 22.02
C TYR C 45 3.21 9.86 23.10
N ARG C 46 2.77 9.66 24.34
CA ARG C 46 3.71 9.49 25.45
C ARG C 46 4.66 8.31 25.18
N ASN C 47 4.09 7.13 24.94
CA ASN C 47 4.92 5.94 24.76
C ASN C 47 5.89 6.13 23.60
N ILE C 48 5.45 6.76 22.52
CA ILE C 48 6.30 6.88 21.34
C ILE C 48 7.44 7.85 21.59
N VAL C 49 7.13 9.06 22.09
CA VAL C 49 8.20 10.02 22.35
C VAL C 49 9.17 9.49 23.40
N GLU C 50 8.75 8.54 24.22
CA GLU C 50 9.73 7.96 25.14
C GLU C 50 10.58 6.91 24.46
N ARG C 51 9.99 6.07 23.61
CA ARG C 51 10.78 5.02 22.96
C ARG C 51 11.75 5.59 21.94
N VAL C 52 11.42 6.73 21.31
CA VAL C 52 12.36 7.38 20.41
C VAL C 52 13.17 8.46 21.10
N LYS C 53 12.89 8.75 22.38
CA LYS C 53 13.75 9.59 23.22
C LYS C 53 13.93 11.00 22.63
N LEU C 54 12.82 11.62 22.25
CA LEU C 54 12.88 13.00 21.79
C LEU C 54 11.93 13.87 22.60
N SER C 55 12.28 15.15 22.71
CA SER C 55 11.47 16.11 23.44
C SER C 55 10.24 16.50 22.62
N GLN C 56 9.35 17.26 23.26
CA GLN C 56 8.16 17.74 22.57
C GLN C 56 8.53 18.67 21.42
N ASN C 57 9.59 19.47 21.57
CA ASN C 57 10.04 20.32 20.48
C ASN C 57 10.57 19.47 19.33
N GLU C 58 11.34 18.42 19.63
CA GLU C 58 11.81 17.52 18.59
C GLU C 58 10.66 16.82 17.90
N PHE C 59 9.65 16.39 18.68
CA PHE C 59 8.44 15.83 18.10
C PHE C 59 7.78 16.82 17.14
N GLN C 60 7.69 18.09 17.56
CA GLN C 60 7.14 19.12 16.69
C GLN C 60 7.93 19.21 15.39
N ASN C 61 9.26 19.18 15.49
CA ASN C 61 10.09 19.35 14.30
C ASN C 61 9.92 18.16 13.35
N VAL C 62 9.77 16.95 13.90
CA VAL C 62 9.75 15.77 13.03
C VAL C 62 8.37 15.52 12.44
N THR C 63 7.30 15.78 13.21
CA THR C 63 5.95 15.49 12.74
C THR C 63 5.21 16.70 12.21
N LEU C 64 5.84 17.88 12.20
CA LEU C 64 5.20 19.12 11.79
C LEU C 64 3.93 19.40 12.59
N ILE C 65 3.88 18.88 13.81
CA ILE C 65 2.76 19.10 14.73
C ILE C 65 3.21 20.15 15.75
N PRO C 66 2.57 21.32 15.81
CA PRO C 66 2.99 22.34 16.78
C PRO C 66 2.96 21.79 18.20
N VAL C 67 3.97 22.19 18.98
CA VAL C 67 4.09 21.73 20.38
C VAL C 67 2.90 22.21 21.20
N SER C 68 2.39 23.42 20.91
CA SER C 68 1.19 23.91 21.58
C SER C 68 -0.01 23.02 21.29
N THR C 69 -0.07 22.42 20.10
CA THR C 69 -1.15 21.48 19.79
C THR C 69 -1.02 20.21 20.63
N ILE C 70 0.21 19.75 20.84
CA ILE C 70 0.45 18.63 21.75
C ILE C 70 -0.06 18.99 23.14
N LYS C 71 0.24 20.20 23.59
CA LYS C 71 -0.24 20.65 24.90
C LYS C 71 -1.76 20.68 24.96
N ARG C 72 -2.40 21.14 23.87
CA ARG C 72 -3.85 21.17 23.83
C ARG C 72 -4.44 19.77 23.96
N ARG C 73 -3.90 18.81 23.20
CA ARG C 73 -4.40 17.44 23.28
C ARG C 73 -4.16 16.85 24.65
N LEU C 74 -3.04 17.16 25.27
CA LEU C 74 -2.69 16.63 26.58
C LEU C 74 -3.47 17.29 27.71
N LYS C 75 -4.06 18.46 27.45
CA LYS C 75 -4.89 19.12 28.46
C LYS C 75 -6.01 18.21 28.93
N ASN C 76 -6.70 17.56 27.99
CA ASN C 76 -7.72 16.57 28.26
C ASN C 76 -7.17 15.20 27.86
N ASP C 77 -8.07 14.23 27.64
CA ASP C 77 -7.71 12.96 27.01
C ASP C 77 -8.14 12.91 25.56
N GLU C 78 -8.29 14.07 24.92
CA GLU C 78 -8.73 14.12 23.54
C GLU C 78 -7.69 13.50 22.60
N ARG C 79 -8.19 12.94 21.51
CA ARG C 79 -7.34 12.29 20.52
C ARG C 79 -6.88 13.29 19.47
N PHE C 80 -5.72 13.01 18.88
CA PHE C 80 -5.20 13.85 17.81
C PHE C 80 -6.04 13.68 16.56
N ASN C 81 -6.09 14.74 15.74
CA ASN C 81 -6.85 14.64 14.50
C ASN C 81 -6.18 13.65 13.54
N THR C 82 -6.85 13.38 12.42
CA THR C 82 -6.40 12.32 11.54
C THR C 82 -5.05 12.62 10.90
N GLN C 83 -4.80 13.89 10.56
CA GLN C 83 -3.51 14.24 9.95
C GLN C 83 -2.37 14.12 10.96
N GLU C 84 -2.59 14.55 12.20
CA GLU C 84 -1.56 14.43 13.22
C GLU C 84 -1.31 12.97 13.59
N SER C 85 -2.38 12.20 13.80
CA SER C 85 -2.23 10.77 14.01
C SER C 85 -1.52 10.13 12.82
N ASP C 86 -1.72 10.66 11.62
CA ASP C 86 -1.04 10.15 10.44
C ASP C 86 0.46 10.37 10.53
N ALA C 87 0.87 11.58 10.93
CA ALA C 87 2.29 11.86 11.13
C ALA C 87 2.89 10.94 12.20
N ILE C 88 2.16 10.74 13.30
CA ILE C 88 2.64 9.84 14.35
C ILE C 88 2.80 8.42 13.82
N TYR C 89 1.84 7.99 12.98
CA TYR C 89 1.93 6.66 12.38
C TYR C 89 3.17 6.54 11.50
N ARG C 90 3.48 7.59 10.74
CA ARG C 90 4.70 7.58 9.94
C ARG C 90 5.93 7.43 10.83
N LEU C 91 5.97 8.16 11.95
CA LEU C 91 7.09 8.03 12.87
C LEU C 91 7.24 6.59 13.37
N ALA C 92 6.12 6.00 13.80
CA ALA C 92 6.15 4.64 14.33
C ALA C 92 6.59 3.63 13.26
N MET C 93 6.13 3.83 12.02
CA MET C 93 6.49 2.92 10.96
C MET C 93 7.98 3.01 10.63
N LEU C 94 8.53 4.23 10.62
CA LEU C 94 9.97 4.38 10.46
C LEU C 94 10.72 3.62 11.55
N LEU C 95 10.29 3.78 12.81
CA LEU C 95 10.95 3.08 13.90
C LEU C 95 10.93 1.58 13.70
N LYS C 96 9.76 1.03 13.38
CA LYS C 96 9.64 -0.42 13.25
C LYS C 96 10.46 -0.95 12.08
N LEU C 97 10.44 -0.24 10.95
CA LEU C 97 11.19 -0.69 9.78
C LEU C 97 12.68 -0.65 10.04
N ALA C 98 13.18 0.41 10.66
CA ALA C 98 14.61 0.48 10.97
C ALA C 98 15.00 -0.59 11.98
N THR C 99 14.10 -0.90 12.92
CA THR C 99 14.39 -1.95 13.90
C THR C 99 14.46 -3.31 13.23
N GLU C 100 13.58 -3.58 12.28
CA GLU C 100 13.70 -4.81 11.50
C GLU C 100 14.97 -4.81 10.67
N LEU C 101 15.42 -3.64 10.23
CA LEU C 101 16.60 -3.57 9.38
C LEU C 101 17.87 -3.90 10.16
N PHE C 102 18.15 -3.14 11.23
CA PHE C 102 19.35 -3.38 12.01
C PHE C 102 19.21 -4.53 13.00
N ASP C 103 18.01 -5.07 13.17
CA ASP C 103 17.70 -6.10 14.17
C ASP C 103 18.04 -5.63 15.58
N ASP C 104 18.10 -4.32 15.80
CA ASP C 104 18.35 -3.74 17.11
C ASP C 104 17.74 -2.35 17.15
N GLU C 105 16.92 -2.09 18.17
CA GLU C 105 16.24 -0.80 18.26
C GLU C 105 17.21 0.33 18.57
N GLU C 106 18.25 0.06 19.38
CA GLU C 106 19.24 1.09 19.66
C GLU C 106 19.97 1.49 18.38
N ARG C 107 20.38 0.51 17.57
CA ARG C 107 20.97 0.81 16.28
C ARG C 107 19.96 1.51 15.38
N ALA C 108 18.69 1.13 15.47
CA ALA C 108 17.66 1.78 14.66
C ALA C 108 17.60 3.27 14.96
N LEU C 109 17.50 3.65 16.24
CA LEU C 109 17.49 5.06 16.60
C LEU C 109 18.81 5.73 16.22
N GLU C 110 19.94 5.05 16.49
CA GLU C 110 21.25 5.60 16.19
C GLU C 110 21.44 5.83 14.71
N TRP C 111 20.66 5.19 13.86
CA TRP C 111 20.64 5.53 12.44
C TRP C 111 19.56 6.56 12.10
N MET C 112 18.45 6.56 12.83
CA MET C 112 17.36 7.49 12.52
C MET C 112 17.78 8.93 12.77
N LYS C 113 18.60 9.17 13.80
CA LYS C 113 18.98 10.54 14.16
C LYS C 113 20.27 10.99 13.45
N GLU C 114 20.69 10.29 12.40
CA GLU C 114 21.95 10.55 11.71
C GLU C 114 21.67 11.13 10.32
N ASN C 115 22.27 12.29 10.04
CA ASN C 115 22.20 12.84 8.69
C ASN C 115 22.87 11.89 7.70
N VAL C 116 22.17 11.60 6.61
CA VAL C 116 22.66 10.66 5.61
C VAL C 116 22.86 11.41 4.30
N TYR C 117 23.94 11.07 3.58
CA TYR C 117 24.15 11.66 2.26
C TYR C 117 23.14 11.12 1.25
N GLY C 118 22.62 9.91 1.47
CA GLY C 118 21.60 9.38 0.59
C GLY C 118 20.30 10.16 0.65
N LEU C 119 19.96 10.72 1.81
CA LEU C 119 18.75 11.51 2.00
C LEU C 119 19.01 13.01 1.87
N GLY C 120 20.09 13.40 1.20
CA GLY C 120 20.38 14.81 0.98
C GLY C 120 20.70 15.61 2.23
N GLY C 121 21.56 15.06 3.10
CA GLY C 121 21.93 15.77 4.31
C GLY C 121 20.85 15.82 5.38
N LYS C 122 19.82 15.00 5.25
CA LYS C 122 18.74 14.95 6.22
C LYS C 122 18.71 13.59 6.89
N ARG C 123 18.43 13.57 8.18
CA ARG C 123 18.32 12.32 8.92
C ARG C 123 17.01 11.62 8.58
N PRO C 124 16.96 10.29 8.75
CA PRO C 124 15.68 9.60 8.57
C PRO C 124 14.54 10.22 9.34
N LEU C 125 14.81 10.77 10.52
CA LEU C 125 13.77 11.36 11.34
C LEU C 125 13.17 12.59 10.67
N ASP C 126 13.96 13.28 9.84
CA ASP C 126 13.45 14.41 9.08
C ASP C 126 12.64 13.99 7.85
N MET C 127 12.46 12.69 7.63
CA MET C 127 11.78 12.20 6.44
C MET C 127 10.38 11.68 6.71
N VAL C 128 9.79 12.00 7.86
CA VAL C 128 8.47 11.50 8.22
C VAL C 128 7.44 12.63 8.29
N SER C 129 7.80 13.83 7.85
CA SER C 129 6.85 14.93 7.87
C SER C 129 5.86 14.83 6.72
N THR C 130 6.27 14.27 5.59
CA THR C 130 5.44 14.20 4.40
C THR C 130 5.40 12.77 3.87
N THR C 131 4.32 12.48 3.13
CA THR C 131 4.15 11.15 2.57
C THR C 131 5.26 10.81 1.59
N VAL C 132 5.70 11.79 0.80
CA VAL C 132 6.72 11.54 -0.21
C VAL C 132 8.07 11.25 0.44
N ASP C 133 8.47 12.07 1.41
CA ASP C 133 9.71 11.80 2.12
C ASP C 133 9.63 10.47 2.85
N PHE C 134 8.45 10.10 3.33
CA PHE C 134 8.26 8.79 3.95
C PHE C 134 8.50 7.67 2.95
N GLU C 135 7.96 7.81 1.73
CA GLU C 135 8.22 6.83 0.70
C GLU C 135 9.71 6.75 0.39
N ILE C 136 10.40 7.88 0.39
CA ILE C 136 11.82 7.89 0.08
C ILE C 136 12.62 7.14 1.14
N VAL C 137 12.34 7.43 2.41
CA VAL C 137 13.09 6.75 3.47
C VAL C 137 12.72 5.27 3.53
N LYS C 138 11.49 4.92 3.17
CA LYS C 138 11.12 3.51 3.09
C LYS C 138 11.89 2.79 1.99
N ASP C 139 11.97 3.40 0.80
CA ASP C 139 12.77 2.81 -0.27
C ASP C 139 14.23 2.67 0.16
N LEU C 140 14.74 3.64 0.92
CA LEU C 140 16.12 3.55 1.39
C LEU C 140 16.30 2.37 2.34
N ILE C 141 15.39 2.21 3.29
CA ILE C 141 15.49 1.09 4.23
C ILE C 141 15.37 -0.24 3.47
N GLY C 142 14.53 -0.28 2.44
CA GLY C 142 14.41 -1.48 1.65
C GLY C 142 15.70 -1.82 0.91
N ARG C 143 16.34 -0.81 0.32
CA ARG C 143 17.63 -1.03 -0.34
C ARG C 143 18.71 -1.46 0.64
N LEU C 144 18.66 -0.95 1.87
CA LEU C 144 19.59 -1.42 2.89
C LEU C 144 19.32 -2.86 3.29
N GLU C 145 18.04 -3.27 3.28
CA GLU C 145 17.74 -4.68 3.53
C GLU C 145 18.32 -5.58 2.43
N HIS C 146 18.33 -5.09 1.19
CA HIS C 146 19.00 -5.81 0.12
C HIS C 146 20.51 -5.90 0.32
N GLY C 147 21.06 -5.16 1.28
CA GLY C 147 22.48 -5.19 1.56
C GLY C 147 23.36 -4.70 0.44
N VAL C 148 22.96 -3.64 -0.26
CA VAL C 148 23.77 -3.10 -1.34
C VAL C 148 25.03 -2.47 -0.75
N PHE C 149 26.17 -2.76 -1.38
CA PHE C 149 27.45 -2.22 -0.91
C PHE C 149 28.14 -1.42 -2.02
#